data_9JDO
#
_entry.id   9JDO
#
_cell.length_a   53.107
_cell.length_b   53.107
_cell.length_c   126.244
_cell.angle_alpha   90.00
_cell.angle_beta   90.00
_cell.angle_gamma   90.00
#
_symmetry.space_group_name_H-M   'P 41 21 2'
#
loop_
_entity.id
_entity.type
_entity.pdbx_description
1 polymer 'Neutrophil gelatinase-associated lipocalin'
2 non-polymer PHOSPHOSERINE
#
_entity_poly.entity_id   1
_entity_poly.type   'polypeptide(L)'
_entity_poly.pdbx_seq_one_letter_code
;QDSTSDLIPAPPLSKVPLQQNFQDNQFQGKWYVVGLAGNAILREDKDPQKMYATIYELKEDKSYNVTSVLFRKKKCDYWI
RTFVPGCQPGEFTLGNIKSYPGLTSYLVRVVSTNYNQHAMVFFKKVSQNREYFKITLYGRTKELTSELKENFIRFSKSLG
LPENHIVFPVPIDQCIDG
;
_entity_poly.pdbx_strand_id   A
#
# COMPACT_ATOMS: atom_id res chain seq x y z
N ASP A 6 -2.51 15.03 16.96
CA ASP A 6 -2.08 15.63 15.71
C ASP A 6 -2.16 14.62 14.56
N LEU A 7 -2.15 15.14 13.33
CA LEU A 7 -2.24 14.30 12.14
C LEU A 7 -1.81 15.12 10.94
N ILE A 8 -0.86 14.60 10.17
CA ILE A 8 -0.37 15.32 8.99
C ILE A 8 -1.49 15.38 7.95
N PRO A 9 -1.73 16.53 7.33
CA PRO A 9 -2.81 16.62 6.34
C PRO A 9 -2.58 15.69 5.14
N ALA A 10 -3.67 15.13 4.64
CA ALA A 10 -3.61 14.29 3.46
C ALA A 10 -3.32 15.15 2.22
N PRO A 11 -2.62 14.58 1.24
CA PRO A 11 -2.27 15.37 0.06
C PRO A 11 -3.44 15.46 -0.90
N PRO A 12 -3.65 16.62 -1.52
CA PRO A 12 -4.61 16.71 -2.62
C PRO A 12 -4.20 15.78 -3.76
N LEU A 13 -5.21 15.22 -4.43
CA LEU A 13 -4.97 14.14 -5.38
C LEU A 13 -4.19 14.57 -6.61
N SER A 14 -4.00 15.88 -6.82
CA SER A 14 -3.18 16.32 -7.95
C SER A 14 -1.72 15.91 -7.76
N LYS A 15 -1.24 15.83 -6.52
CA LYS A 15 0.12 15.41 -6.24
C LYS A 15 0.29 13.90 -6.20
N VAL A 16 -0.75 13.14 -6.55
CA VAL A 16 -0.65 11.68 -6.59
C VAL A 16 -0.83 11.22 -8.03
N PRO A 17 0.26 10.98 -8.76
CA PRO A 17 0.15 10.54 -10.15
C PRO A 17 -0.54 9.19 -10.27
N LEU A 18 -0.82 8.81 -11.51
CA LEU A 18 -1.51 7.57 -11.82
C LEU A 18 -0.84 6.94 -13.04
N GLN A 19 -0.79 5.61 -13.05
CA GLN A 19 -0.03 4.90 -14.08
C GLN A 19 -0.62 5.16 -15.46
N GLN A 20 0.26 5.11 -16.48
CA GLN A 20 -0.14 5.47 -17.83
C GLN A 20 -1.32 4.63 -18.31
N ASN A 21 -1.13 3.32 -18.42
CA ASN A 21 -2.18 2.39 -18.83
C ASN A 21 -2.12 1.19 -17.89
N PHE A 22 -2.91 1.24 -16.82
CA PHE A 22 -2.86 0.20 -15.81
C PHE A 22 -3.32 -1.13 -16.38
N GLN A 23 -2.53 -2.17 -16.14
CA GLN A 23 -2.85 -3.53 -16.58
C GLN A 23 -3.33 -4.32 -15.36
N ASP A 24 -4.63 -4.59 -15.30
CA ASP A 24 -5.18 -5.31 -14.16
C ASP A 24 -4.61 -6.72 -14.07
N ASN A 25 -4.49 -7.41 -15.20
CA ASN A 25 -3.97 -8.77 -15.20
C ASN A 25 -2.49 -8.82 -14.84
N GLN A 26 -1.71 -7.82 -15.26
CA GLN A 26 -0.28 -7.83 -15.00
C GLN A 26 0.05 -7.44 -13.56
N PHE A 27 -0.74 -6.57 -12.94
CA PHE A 27 -0.54 -6.21 -11.54
C PHE A 27 -0.84 -7.36 -10.59
N GLN A 28 -1.49 -8.41 -11.08
CA GLN A 28 -1.86 -9.55 -10.26
C GLN A 28 -0.62 -10.20 -9.63
N GLY A 29 -0.86 -11.00 -8.59
CA GLY A 29 0.18 -11.77 -7.96
C GLY A 29 0.55 -11.23 -6.59
N LYS A 30 1.69 -11.72 -6.11
CA LYS A 30 2.16 -11.34 -4.76
C LYS A 30 3.10 -10.15 -4.85
N TRP A 31 2.91 -9.20 -3.95
CA TRP A 31 3.78 -8.03 -3.85
C TRP A 31 4.39 -7.98 -2.45
N TYR A 32 5.63 -7.51 -2.39
CA TYR A 32 6.34 -7.36 -1.12
C TYR A 32 6.39 -5.88 -0.75
N VAL A 33 6.14 -5.59 0.51
CA VAL A 33 6.17 -4.22 1.00
C VAL A 33 7.63 -3.91 1.35
N VAL A 34 8.32 -3.26 0.42
CA VAL A 34 9.70 -2.87 0.67
C VAL A 34 9.76 -1.54 1.39
N GLY A 35 8.83 -0.63 1.09
CA GLY A 35 8.77 0.64 1.78
C GLY A 35 7.36 0.95 2.23
N LEU A 36 7.26 1.56 3.41
CA LEU A 36 5.98 1.96 3.98
C LEU A 36 6.08 3.42 4.43
N ALA A 37 5.03 4.18 4.18
CA ALA A 37 5.02 5.60 4.54
C ALA A 37 3.58 6.06 4.74
N GLY A 38 3.45 7.19 5.44
CA GLY A 38 2.15 7.80 5.64
C GLY A 38 1.96 8.31 7.06
N ASN A 39 0.94 9.13 7.29
CA ASN A 39 0.56 9.45 8.66
C ASN A 39 -0.06 8.23 9.32
N ALA A 40 -0.07 8.23 10.65
CA ALA A 40 -0.41 7.08 11.48
C ALA A 40 0.55 5.92 11.27
N ILE A 41 1.67 6.14 10.58
CA ILE A 41 2.76 5.18 10.45
C ILE A 41 4.01 5.86 10.98
N LEU A 42 4.59 5.32 12.04
CA LEU A 42 5.73 5.92 12.69
C LEU A 42 6.86 4.89 12.81
N ARG A 43 8.08 5.41 12.89
CA ARG A 43 9.25 4.57 13.18
C ARG A 43 9.25 4.25 14.68
N GLU A 44 8.43 3.28 15.06
CA GLU A 44 8.46 2.76 16.42
C GLU A 44 9.65 1.81 16.50
N ASP A 45 10.80 2.35 16.90
CA ASP A 45 12.02 1.56 16.95
C ASP A 45 12.00 0.51 18.06
N LYS A 46 11.03 0.57 18.97
CA LYS A 46 10.85 -0.52 19.92
C LYS A 46 10.37 -1.78 19.22
N ASP A 47 9.54 -1.63 18.19
CA ASP A 47 9.07 -2.73 17.35
C ASP A 47 9.19 -2.31 15.89
N PRO A 48 10.37 -2.45 15.29
CA PRO A 48 10.53 -2.08 13.88
C PRO A 48 9.60 -2.90 13.00
N GLN A 49 9.06 -2.26 11.99
CA GLN A 49 8.09 -2.92 11.12
C GLN A 49 8.77 -4.03 10.33
N LYS A 50 8.08 -5.16 10.21
CA LYS A 50 8.56 -6.31 9.46
C LYS A 50 7.89 -6.35 8.09
N MET A 51 8.63 -6.82 7.10
CA MET A 51 8.07 -6.91 5.75
C MET A 51 6.86 -7.84 5.75
N TYR A 52 5.77 -7.35 5.17
CA TYR A 52 4.59 -8.17 4.94
C TYR A 52 4.32 -8.21 3.44
N ALA A 53 3.76 -9.32 2.99
CA ALA A 53 3.43 -9.50 1.58
C ALA A 53 1.93 -9.36 1.38
N THR A 54 1.55 -8.85 0.23
CA THR A 54 0.14 -8.63 -0.09
C THR A 54 -0.10 -9.17 -1.49
N ILE A 55 -1.03 -10.11 -1.62
CA ILE A 55 -1.30 -10.78 -2.88
C ILE A 55 -2.58 -10.21 -3.47
N TYR A 56 -2.54 -9.85 -4.75
CA TYR A 56 -3.70 -9.38 -5.48
C TYR A 56 -4.17 -10.49 -6.42
N GLU A 57 -5.46 -10.81 -6.34
CA GLU A 57 -6.05 -11.86 -7.19
C GLU A 57 -7.20 -11.24 -7.97
N LEU A 58 -7.06 -11.18 -9.29
CA LEU A 58 -8.13 -10.67 -10.14
C LEU A 58 -9.28 -11.66 -10.18
N LYS A 59 -10.50 -11.16 -10.05
CA LYS A 59 -11.70 -11.96 -10.15
C LYS A 59 -12.43 -11.66 -11.45
N GLU A 60 -13.51 -12.41 -11.69
CA GLU A 60 -14.26 -12.24 -12.93
C GLU A 60 -14.84 -10.84 -13.04
N ASP A 61 -15.33 -10.30 -11.91
CA ASP A 61 -15.89 -8.94 -11.88
C ASP A 61 -14.85 -7.86 -12.09
N LYS A 62 -13.59 -8.22 -12.36
CA LYS A 62 -12.46 -7.32 -12.57
C LYS A 62 -12.03 -6.61 -11.30
N SER A 63 -12.57 -6.97 -10.14
CA SER A 63 -12.10 -6.47 -8.87
C SER A 63 -11.00 -7.38 -8.33
N TYR A 64 -10.33 -6.90 -7.28
CA TYR A 64 -9.20 -7.60 -6.69
C TYR A 64 -9.59 -8.21 -5.35
N ASN A 65 -9.16 -9.45 -5.12
CA ASN A 65 -9.19 -10.05 -3.80
C ASN A 65 -7.80 -9.87 -3.20
N VAL A 66 -7.68 -8.88 -2.30
CA VAL A 66 -6.40 -8.45 -1.78
C VAL A 66 -6.17 -9.17 -0.45
N THR A 67 -5.22 -10.11 -0.44
CA THR A 67 -4.86 -10.84 0.76
C THR A 67 -3.50 -10.34 1.23
N SER A 68 -3.46 -9.75 2.41
CA SER A 68 -2.23 -9.30 3.04
C SER A 68 -1.84 -10.31 4.11
N VAL A 69 -0.64 -10.84 4.02
CA VAL A 69 -0.13 -11.79 5.01
C VAL A 69 0.97 -11.12 5.80
N LEU A 70 0.89 -11.22 7.13
CA LEU A 70 1.78 -10.51 8.03
C LEU A 70 2.17 -11.44 9.17
N PHE A 71 3.29 -11.10 9.80
CA PHE A 71 3.84 -11.88 10.93
C PHE A 71 3.62 -11.06 12.19
N ARG A 72 2.53 -11.34 12.89
CA ARG A 72 2.15 -10.62 14.10
C ARG A 72 2.00 -11.61 15.25
N LYS A 73 2.59 -11.26 16.40
CA LYS A 73 2.49 -12.07 17.62
C LYS A 73 2.95 -13.51 17.38
N LYS A 74 4.06 -13.66 16.66
CA LYS A 74 4.67 -14.96 16.39
C LYS A 74 3.72 -15.89 15.65
N LYS A 75 2.84 -15.34 14.83
CA LYS A 75 1.90 -16.13 14.06
C LYS A 75 1.61 -15.42 12.74
N CYS A 76 1.14 -16.20 11.76
CA CYS A 76 0.84 -15.67 10.44
C CYS A 76 -0.62 -15.21 10.42
N ASP A 77 -0.83 -13.90 10.29
CA ASP A 77 -2.16 -13.34 10.16
C ASP A 77 -2.44 -12.99 8.70
N TYR A 78 -3.67 -13.23 8.28
CA TYR A 78 -4.07 -13.02 6.89
C TYR A 78 -5.26 -12.06 6.88
N TRP A 79 -5.04 -10.85 6.37
CA TRP A 79 -6.04 -9.80 6.33
C TRP A 79 -6.50 -9.64 4.89
N ILE A 80 -7.81 -9.78 4.66
CA ILE A 80 -8.38 -9.89 3.33
C ILE A 80 -9.34 -8.74 3.09
N ARG A 81 -9.17 -8.05 1.97
CA ARG A 81 -10.10 -7.02 1.52
C ARG A 81 -10.47 -7.29 0.05
N THR A 82 -11.30 -6.41 -0.48
CA THR A 82 -11.65 -6.40 -1.90
C THR A 82 -11.45 -5.00 -2.44
N PHE A 83 -10.76 -4.89 -3.58
CA PHE A 83 -10.50 -3.61 -4.23
C PHE A 83 -11.43 -3.50 -5.44
N VAL A 84 -12.51 -2.75 -5.29
CA VAL A 84 -13.46 -2.53 -6.37
C VAL A 84 -12.89 -1.46 -7.30
N PRO A 85 -12.82 -1.71 -8.61
CA PRO A 85 -12.24 -0.71 -9.52
C PRO A 85 -12.99 0.61 -9.47
N GLY A 86 -12.24 1.69 -9.59
CA GLY A 86 -12.74 3.04 -9.45
C GLY A 86 -12.98 3.73 -10.78
N CYS A 87 -12.80 5.05 -10.77
CA CYS A 87 -13.12 5.86 -11.95
C CYS A 87 -12.23 5.52 -13.14
N GLN A 88 -10.94 5.38 -12.89
CA GLN A 88 -9.95 5.18 -13.95
C GLN A 88 -9.12 3.95 -13.64
N PRO A 89 -8.53 3.33 -14.67
CA PRO A 89 -7.66 2.17 -14.42
C PRO A 89 -6.54 2.53 -13.46
N GLY A 90 -6.25 1.60 -12.54
CA GLY A 90 -5.31 1.83 -11.48
C GLY A 90 -5.90 2.43 -10.22
N GLU A 91 -7.16 2.85 -10.26
CA GLU A 91 -7.85 3.41 -9.10
C GLU A 91 -8.84 2.39 -8.56
N PHE A 92 -9.00 2.37 -7.23
CA PHE A 92 -9.84 1.36 -6.60
C PHE A 92 -10.52 1.96 -5.37
N THR A 93 -11.62 1.33 -4.98
CA THR A 93 -12.33 1.65 -3.76
C THR A 93 -12.56 0.37 -2.96
N LEU A 94 -12.65 0.52 -1.64
CA LEU A 94 -12.74 -0.65 -0.77
C LEU A 94 -14.12 -1.30 -0.89
N GLY A 95 -14.11 -2.63 -0.99
CA GLY A 95 -15.37 -3.36 -1.00
C GLY A 95 -15.89 -3.62 0.41
N ASN A 96 -17.22 -3.67 0.53
CA ASN A 96 -17.91 -3.83 1.80
C ASN A 96 -17.45 -2.77 2.80
N ILE A 97 -17.61 -1.51 2.40
CA ILE A 97 -17.16 -0.38 3.22
C ILE A 97 -17.92 -0.35 4.54
N LYS A 98 -19.24 -0.57 4.50
CA LYS A 98 -20.05 -0.50 5.71
C LYS A 98 -19.67 -1.58 6.72
N SER A 99 -19.05 -2.68 6.27
CA SER A 99 -18.64 -3.73 7.21
C SER A 99 -17.58 -3.23 8.19
N TYR A 100 -16.83 -2.19 7.83
CA TYR A 100 -15.86 -1.58 8.73
C TYR A 100 -16.47 -0.37 9.42
N PRO A 101 -16.36 -0.27 10.74
CA PRO A 101 -17.07 0.79 11.48
C PRO A 101 -16.60 2.17 11.10
N GLY A 102 -17.51 2.96 10.53
CA GLY A 102 -17.25 4.36 10.24
C GLY A 102 -16.19 4.63 9.19
N LEU A 103 -16.12 3.80 8.15
CA LEU A 103 -15.19 4.04 7.04
C LEU A 103 -15.89 4.95 6.04
N THR A 104 -15.64 6.26 6.17
CA THR A 104 -16.31 7.22 5.30
C THR A 104 -15.88 7.04 3.84
N SER A 105 -14.59 6.85 3.59
CA SER A 105 -14.10 6.69 2.23
C SER A 105 -12.78 5.95 2.26
N TYR A 106 -12.51 5.23 1.17
CA TYR A 106 -11.23 4.55 0.99
C TYR A 106 -10.88 4.58 -0.49
N LEU A 107 -9.73 5.16 -0.82
CA LEU A 107 -9.29 5.30 -2.20
C LEU A 107 -7.93 4.63 -2.37
N VAL A 108 -7.79 3.86 -3.45
CA VAL A 108 -6.53 3.22 -3.81
C VAL A 108 -6.13 3.72 -5.19
N ARG A 109 -4.89 4.18 -5.32
CA ARG A 109 -4.39 4.71 -6.58
C ARG A 109 -2.99 4.15 -6.83
N VAL A 110 -2.85 3.39 -7.91
CA VAL A 110 -1.54 2.86 -8.30
C VAL A 110 -0.71 3.99 -8.89
N VAL A 111 0.24 4.50 -8.11
CA VAL A 111 1.02 5.66 -8.55
C VAL A 111 1.91 5.29 -9.73
N SER A 112 2.65 4.19 -9.60
CA SER A 112 3.57 3.78 -10.65
C SER A 112 3.94 2.31 -10.46
N THR A 113 4.17 1.63 -11.58
CA THR A 113 4.59 0.23 -11.54
C THR A 113 5.17 -0.15 -12.90
N ASN A 114 5.96 -1.22 -12.89
CA ASN A 114 6.38 -1.89 -14.12
C ASN A 114 5.84 -3.30 -14.25
N TYR A 115 5.23 -3.84 -13.19
CA TYR A 115 4.58 -5.15 -13.07
C TYR A 115 5.58 -6.30 -12.95
N ASN A 116 6.89 -6.07 -13.09
CA ASN A 116 7.85 -7.15 -12.94
C ASN A 116 8.80 -6.98 -11.76
N GLN A 117 9.07 -5.74 -11.33
CA GLN A 117 9.92 -5.62 -10.15
C GLN A 117 9.36 -4.69 -9.08
N HIS A 118 8.67 -3.60 -9.45
CA HIS A 118 8.32 -2.59 -8.48
C HIS A 118 6.93 -2.02 -8.75
N ALA A 119 6.31 -1.51 -7.68
CA ALA A 119 5.05 -0.80 -7.77
C ALA A 119 4.95 0.15 -6.59
N MET A 120 4.22 1.25 -6.78
CA MET A 120 4.02 2.25 -5.74
C MET A 120 2.55 2.63 -5.72
N VAL A 121 1.88 2.44 -4.59
CA VAL A 121 0.44 2.59 -4.49
C VAL A 121 0.11 3.57 -3.37
N PHE A 122 -0.92 4.38 -3.58
CA PHE A 122 -1.37 5.38 -2.64
C PHE A 122 -2.73 5.00 -2.10
N PHE A 123 -2.87 4.95 -0.78
CA PHE A 123 -4.12 4.61 -0.11
C PHE A 123 -4.55 5.79 0.75
N LYS A 124 -5.82 6.18 0.64
CA LYS A 124 -6.40 7.24 1.46
C LYS A 124 -7.62 6.70 2.17
N LYS A 125 -7.63 6.80 3.50
CA LYS A 125 -8.72 6.32 4.34
C LYS A 125 -9.22 7.46 5.22
N VAL A 126 -10.54 7.60 5.29
CA VAL A 126 -11.18 8.64 6.09
C VAL A 126 -12.14 7.98 7.06
N SER A 127 -12.02 8.33 8.34
CA SER A 127 -12.89 7.79 9.38
C SER A 127 -12.95 8.78 10.53
N GLN A 128 -14.17 9.07 11.00
CA GLN A 128 -14.40 10.00 12.12
C GLN A 128 -13.80 11.38 11.82
N ASN A 129 -13.93 11.82 10.58
CA ASN A 129 -13.48 13.12 10.08
C ASN A 129 -11.97 13.28 10.10
N ARG A 130 -11.22 12.20 10.35
CA ARG A 130 -9.76 12.23 10.30
C ARG A 130 -9.29 11.57 9.02
N GLU A 131 -8.36 12.22 8.32
CA GLU A 131 -7.85 11.74 7.04
C GLU A 131 -6.55 10.99 7.27
N TYR A 132 -6.51 9.73 6.88
CA TYR A 132 -5.31 8.90 6.96
C TYR A 132 -4.91 8.47 5.56
N PHE A 133 -3.62 8.60 5.24
CA PHE A 133 -3.13 8.18 3.94
C PHE A 133 -1.82 7.43 4.11
N LYS A 134 -1.54 6.54 3.15
CA LYS A 134 -0.37 5.67 3.22
C LYS A 134 0.15 5.42 1.82
N ILE A 135 1.48 5.32 1.70
CA ILE A 135 2.15 4.99 0.46
C ILE A 135 3.05 3.78 0.70
N THR A 136 2.89 2.75 -0.13
CA THR A 136 3.65 1.51 -0.02
C THR A 136 4.50 1.31 -1.26
N LEU A 137 5.75 0.90 -1.05
CA LEU A 137 6.67 0.58 -2.14
C LEU A 137 6.64 -0.92 -2.36
N TYR A 138 5.92 -1.36 -3.39
CA TYR A 138 5.76 -2.78 -3.67
C TYR A 138 6.95 -3.31 -4.45
N GLY A 139 7.31 -4.56 -4.17
CA GLY A 139 8.35 -5.23 -4.92
C GLY A 139 8.00 -6.69 -5.17
N ARG A 140 8.30 -7.18 -6.38
CA ARG A 140 8.07 -8.60 -6.66
C ARG A 140 9.02 -9.49 -5.88
N THR A 141 10.15 -8.96 -5.44
CA THR A 141 11.05 -9.63 -4.50
C THR A 141 11.11 -8.81 -3.22
N LYS A 142 11.89 -9.30 -2.26
CA LYS A 142 12.02 -8.62 -0.97
C LYS A 142 13.04 -7.49 -0.99
N GLU A 143 13.74 -7.29 -2.11
CA GLU A 143 14.77 -6.27 -2.21
C GLU A 143 14.60 -5.47 -3.49
N LEU A 144 14.73 -4.15 -3.38
CA LEU A 144 14.76 -3.24 -4.51
C LEU A 144 16.05 -2.44 -4.47
N THR A 145 16.44 -1.88 -5.61
CA THR A 145 17.66 -1.09 -5.64
C THR A 145 17.44 0.24 -4.91
N SER A 146 18.54 0.86 -4.49
CA SER A 146 18.47 2.11 -3.75
C SER A 146 17.87 3.23 -4.59
N GLU A 147 17.84 3.09 -5.92
CA GLU A 147 17.26 4.11 -6.77
C GLU A 147 15.75 4.22 -6.55
N LEU A 148 15.04 3.09 -6.61
CA LEU A 148 13.59 3.13 -6.44
C LEU A 148 13.23 3.51 -5.00
N LYS A 149 14.01 3.04 -4.02
CA LYS A 149 13.78 3.46 -2.64
C LYS A 149 13.98 4.96 -2.49
N GLU A 150 15.01 5.51 -3.14
CA GLU A 150 15.23 6.95 -3.09
C GLU A 150 14.04 7.71 -3.70
N ASN A 151 13.51 7.20 -4.82
CA ASN A 151 12.31 7.80 -5.39
C ASN A 151 11.14 7.70 -4.42
N PHE A 152 11.03 6.57 -3.72
CA PHE A 152 9.96 6.40 -2.74
C PHE A 152 10.06 7.43 -1.62
N ILE A 153 11.27 7.68 -1.12
CA ILE A 153 11.46 8.69 -0.08
C ILE A 153 11.10 10.07 -0.62
N ARG A 154 11.58 10.39 -1.82
CA ARG A 154 11.31 11.71 -2.40
C ARG A 154 9.81 11.90 -2.65
N PHE A 155 9.14 10.87 -3.18
CA PHE A 155 7.71 10.99 -3.43
C PHE A 155 6.93 11.09 -2.13
N SER A 156 7.34 10.34 -1.11
CA SER A 156 6.64 10.39 0.18
C SER A 156 6.74 11.78 0.80
N LYS A 157 7.94 12.36 0.80
CA LYS A 157 8.10 13.73 1.29
C LYS A 157 7.35 14.74 0.43
N SER A 158 7.14 14.42 -0.85
CA SER A 158 6.40 15.32 -1.73
C SER A 158 4.94 15.45 -1.29
N LEU A 159 4.44 14.52 -0.48
CA LEU A 159 3.11 14.61 0.07
C LEU A 159 3.11 15.12 1.51
N GLY A 160 4.25 15.62 1.99
CA GLY A 160 4.33 16.22 3.30
C GLY A 160 4.70 15.24 4.40
N LEU A 161 5.60 14.31 4.09
CA LEU A 161 5.95 13.24 5.02
C LEU A 161 7.38 13.42 5.49
N PRO A 162 7.61 13.51 6.80
CA PRO A 162 8.99 13.57 7.29
C PRO A 162 9.67 12.20 7.22
N GLU A 163 10.95 12.15 7.59
CA GLU A 163 11.69 10.90 7.44
C GLU A 163 11.29 9.87 8.50
N ASN A 164 10.84 10.33 9.68
CA ASN A 164 10.41 9.40 10.71
C ASN A 164 9.09 8.72 10.38
N HIS A 165 8.35 9.23 9.40
CA HIS A 165 7.13 8.60 8.93
C HIS A 165 7.36 7.71 7.72
N ILE A 166 8.60 7.57 7.28
CA ILE A 166 8.96 6.71 6.14
C ILE A 166 9.73 5.53 6.70
N VAL A 167 9.17 4.33 6.53
CA VAL A 167 9.73 3.11 7.11
C VAL A 167 10.04 2.12 5.99
N PHE A 168 11.14 1.41 6.14
CA PHE A 168 11.48 0.30 5.24
C PHE A 168 11.40 -1.00 6.04
N PRO A 169 10.32 -1.77 5.91
CA PRO A 169 10.16 -2.97 6.73
C PRO A 169 11.28 -3.98 6.51
N VAL A 170 11.70 -4.62 7.58
CA VAL A 170 12.82 -5.56 7.52
C VAL A 170 12.35 -6.86 6.88
N PRO A 171 13.09 -7.40 5.91
CA PRO A 171 12.68 -8.67 5.29
C PRO A 171 12.65 -9.81 6.31
N ILE A 172 11.64 -10.66 6.18
CA ILE A 172 11.48 -11.84 7.03
C ILE A 172 11.00 -13.00 6.16
N ASP A 173 11.18 -14.22 6.69
CA ASP A 173 10.99 -15.43 5.89
C ASP A 173 9.62 -16.08 6.10
N GLN A 174 9.14 -16.21 7.32
CA GLN A 174 7.93 -16.96 7.56
C GLN A 174 6.67 -16.14 7.27
N CYS A 175 5.64 -16.83 6.80
CA CYS A 175 4.32 -16.30 6.44
C CYS A 175 4.39 -15.49 5.14
N ILE A 176 5.60 -15.18 4.67
CA ILE A 176 5.80 -14.16 3.66
C ILE A 176 6.29 -14.76 2.34
N ASP A 177 7.08 -15.82 2.41
CA ASP A 177 7.47 -16.52 1.20
C ASP A 177 6.50 -17.63 0.81
N GLY A 178 5.52 -17.94 1.65
CA GLY A 178 4.59 -19.01 1.39
C GLY A 178 3.59 -18.73 0.28
N SEP B . -1.01 -3.73 6.70
CA SEP B . -1.12 -2.68 7.70
CB SEP B . -2.43 -2.84 8.48
OG SEP B . -2.72 -4.20 8.59
C SEP B . 0.10 -2.70 8.61
O SEP B . 0.76 -1.64 8.80
OXT SEP B . 0.45 -3.78 9.16
P SEP B . -3.88 -4.68 9.67
O1P SEP B . -5.25 -4.46 9.06
O2P SEP B . -3.70 -6.15 9.98
O3P SEP B . -3.75 -3.87 10.93
#